data_3IIQ
#
_entry.id   3IIQ
#
_cell.length_a   70.007
_cell.length_b   70.007
_cell.length_c   259.894
_cell.angle_alpha   90.00
_cell.angle_beta   90.00
_cell.angle_gamma   90.00
#
_symmetry.space_group_name_H-M   'P 43 21 2'
#
loop_
_entity.id
_entity.type
_entity.pdbx_description
1 polymer 'SIGNAL PEPTIDASE I'
2 polymer 'ARYLOMYCIN A2'
3 non-polymer 4-[(1,1-dioxido-1,2-thiazetidin-2-yl)carbonyl]morpholine
4 non-polymer 'FRAGMENT OF TRITON X-100'
5 non-polymer GLYCEROL
6 non-polymer ACETONITRILE
7 non-polymer '10-METHYLUNDECANOIC ACID'
8 water water
#
loop_
_entity_poly.entity_id
_entity_poly.type
_entity_poly.pdbx_seq_one_letter_code
_entity_poly.pdbx_strand_id
1 'polypeptide(L)'
;MVRSFIYEPFQIPSGSMMPTLLIGDFILVEKFAYGIKDPIYQKTLIETGHPKRGDIVVFKYPEDPKLDYIKRAVGLPGDK
VTYDPVSKELTIQPGCSSGQACENALPVTYSNVEPSDFVQTFSRRNGGEATSGFFEVPKNETKENGIRLSERKETLGDVT
HRILTVPIAQDQVGMYYQQPGQQLATWIVPPGQYFMMGDNRDNSADSRYWGFVPEANLVGRATAIWMSFDKQEGEWPTGL
RLSRIGGIH
;
A,B
2 'polypeptide(L)' (DSE)(DAL)G(5PG)AY C,D
#
# COMPACT_ATOMS: atom_id res chain seq x y z
N PHE A 5 18.04 -23.52 10.21
CA PHE A 5 17.23 -22.56 11.05
C PHE A 5 16.25 -21.72 10.21
N ILE A 6 15.57 -20.74 10.85
CA ILE A 6 14.38 -20.06 10.27
C ILE A 6 14.62 -18.95 9.21
N TYR A 7 15.82 -18.35 9.16
CA TYR A 7 16.15 -17.42 8.06
C TYR A 7 17.14 -18.08 7.09
N GLU A 8 17.06 -17.70 5.81
CA GLU A 8 18.00 -18.20 4.80
C GLU A 8 18.20 -17.13 3.76
N PRO A 9 19.47 -16.73 3.49
CA PRO A 9 19.73 -15.77 2.39
C PRO A 9 19.71 -16.44 1.00
N PHE A 10 19.24 -15.69 -0.02
CA PHE A 10 19.31 -16.16 -1.39
C PHE A 10 19.80 -14.99 -2.23
N GLN A 11 20.27 -15.29 -3.43
CA GLN A 11 20.57 -14.24 -4.38
C GLN A 11 19.61 -14.27 -5.58
N ILE A 12 19.50 -13.11 -6.23
CA ILE A 12 18.55 -12.89 -7.35
C ILE A 12 19.39 -12.80 -8.63
N PRO A 13 19.46 -13.89 -9.38
CA PRO A 13 20.14 -13.85 -10.67
C PRO A 13 19.29 -13.39 -11.89
N SER A 14 17.94 -13.42 -11.79
CA SER A 14 17.12 -13.13 -12.99
C SER A 14 16.15 -11.95 -12.77
N GLY A 15 15.45 -11.54 -13.87
CA GLY A 15 14.56 -10.42 -13.82
C GLY A 15 13.13 -10.77 -13.57
N SER A 16 12.82 -12.01 -13.22
CA SER A 16 11.41 -12.47 -13.13
C SER A 16 10.52 -11.70 -12.16
N MET A 17 11.11 -11.02 -11.18
CA MET A 17 10.31 -10.28 -10.19
C MET A 17 10.62 -8.79 -10.25
N MET A 18 11.30 -8.32 -11.28
CA MET A 18 11.41 -6.86 -11.50
C MET A 18 9.98 -6.17 -11.49
N PRO A 19 9.88 -4.91 -10.95
CA PRO A 19 10.94 -4.07 -10.42
C PRO A 19 11.22 -4.30 -8.89
N THR A 20 10.38 -5.14 -8.27
CA THR A 20 10.44 -5.44 -6.86
C THR A 20 11.81 -5.99 -6.41
N LEU A 21 12.34 -6.94 -7.18
CA LEU A 21 13.63 -7.51 -6.95
C LEU A 21 14.40 -7.37 -8.24
N LEU A 22 15.66 -6.93 -8.17
CA LEU A 22 16.51 -6.74 -9.35
C LEU A 22 17.65 -7.74 -9.39
N ILE A 23 18.11 -8.13 -10.59
CA ILE A 23 19.34 -8.88 -10.72
C ILE A 23 20.43 -8.29 -9.83
N GLY A 24 21.04 -9.11 -8.96
CA GLY A 24 22.12 -8.59 -8.08
C GLY A 24 21.65 -8.32 -6.65
N ASP A 25 20.34 -8.40 -6.38
CA ASP A 25 19.82 -8.32 -4.99
C ASP A 25 20.10 -9.60 -4.21
N PHE A 26 20.28 -9.43 -2.88
CA PHE A 26 20.42 -10.55 -1.98
C PHE A 26 19.30 -10.34 -0.98
N ILE A 27 18.53 -11.42 -0.80
CA ILE A 27 17.34 -11.33 0.02
C ILE A 27 17.42 -12.28 1.23
N LEU A 28 16.53 -12.04 2.18
CA LEU A 28 16.37 -12.87 3.35
C LEU A 28 14.99 -13.50 3.33
N VAL A 29 14.93 -14.79 3.60
CA VAL A 29 13.70 -15.52 3.54
C VAL A 29 13.41 -16.06 4.91
N GLU A 30 12.17 -15.94 5.36
CA GLU A 30 11.71 -16.48 6.62
C GLU A 30 10.94 -17.74 6.31
N LYS A 31 11.44 -18.87 6.78
CA LYS A 31 10.85 -20.15 6.44
C LYS A 31 9.50 -20.32 7.09
N PHE A 32 8.58 -21.01 6.41
CA PHE A 32 7.20 -21.21 6.95
C PHE A 32 7.18 -22.24 8.08
N HIS A 50 1.67 -20.63 6.44
CA HIS A 50 1.00 -20.64 5.11
C HIS A 50 1.10 -19.25 4.46
N PRO A 51 1.26 -19.20 3.14
CA PRO A 51 1.31 -17.88 2.48
C PRO A 51 -0.03 -17.18 2.50
N LYS A 52 0.02 -15.86 2.60
CA LYS A 52 -1.10 -14.99 2.29
C LYS A 52 -1.00 -14.56 0.86
N ARG A 53 -2.12 -14.21 0.25
CA ARG A 53 -2.16 -13.78 -1.14
C ARG A 53 -1.24 -12.58 -1.27
N GLY A 54 -0.41 -12.58 -2.30
CA GLY A 54 0.50 -11.46 -2.45
C GLY A 54 1.87 -11.65 -1.86
N ASP A 55 2.04 -12.66 -0.99
CA ASP A 55 3.38 -12.92 -0.44
C ASP A 55 4.38 -13.26 -1.55
N ILE A 56 5.62 -12.77 -1.41
CA ILE A 56 6.73 -13.23 -2.21
C ILE A 56 7.27 -14.53 -1.55
N VAL A 57 7.21 -15.62 -2.31
CA VAL A 57 7.43 -16.95 -1.81
C VAL A 57 8.63 -17.63 -2.56
N VAL A 58 9.54 -18.24 -1.78
CA VAL A 58 10.63 -19.07 -2.39
C VAL A 58 10.09 -20.49 -2.34
N PHE A 59 10.22 -21.24 -3.44
CA PHE A 59 9.74 -22.64 -3.42
C PHE A 59 10.55 -23.55 -4.36
N LYS A 60 10.43 -24.87 -4.18
CA LYS A 60 11.11 -25.87 -5.05
C LYS A 60 10.28 -25.94 -6.33
N TYR A 61 10.91 -25.61 -7.44
CA TYR A 61 10.28 -25.66 -8.77
C TYR A 61 9.70 -27.07 -9.03
N PRO A 62 8.38 -27.19 -9.22
CA PRO A 62 7.80 -28.53 -9.26
C PRO A 62 8.49 -29.52 -10.28
N GLU A 63 8.77 -29.04 -11.49
CA GLU A 63 9.36 -29.86 -12.54
C GLU A 63 10.81 -30.17 -12.30
N ASP A 64 11.50 -29.37 -11.50
CA ASP A 64 12.88 -29.63 -11.15
C ASP A 64 13.12 -29.15 -9.71
N PRO A 65 12.72 -29.97 -8.69
CA PRO A 65 12.84 -29.51 -7.30
C PRO A 65 14.28 -29.34 -6.81
N LYS A 66 15.28 -29.57 -7.66
CA LYS A 66 16.63 -29.12 -7.37
C LYS A 66 16.72 -27.59 -7.49
N LEU A 67 15.75 -26.96 -8.17
CA LEU A 67 15.78 -25.47 -8.34
C LEU A 67 14.81 -24.76 -7.38
N ASP A 68 15.30 -23.73 -6.67
CA ASP A 68 14.43 -22.81 -5.92
C ASP A 68 13.92 -21.72 -6.87
N TYR A 69 12.60 -21.49 -6.86
CA TYR A 69 12.07 -20.38 -7.61
C TYR A 69 11.54 -19.34 -6.62
N ILE A 70 11.52 -18.09 -7.06
CA ILE A 70 10.87 -17.03 -6.30
C ILE A 70 9.81 -16.33 -7.15
N LYS A 71 8.57 -16.29 -6.66
CA LYS A 71 7.47 -15.70 -7.38
C LYS A 71 6.45 -15.12 -6.38
N ARG A 72 5.37 -14.50 -6.87
CA ARG A 72 4.35 -14.00 -5.95
C ARG A 72 3.17 -14.95 -5.89
N ALA A 73 2.73 -15.28 -4.70
CA ALA A 73 1.56 -16.17 -4.56
C ALA A 73 0.22 -15.41 -4.80
N VAL A 74 -0.28 -15.43 -6.02
CA VAL A 74 -1.49 -14.72 -6.36
C VAL A 74 -2.75 -15.55 -6.17
N GLY A 75 -2.63 -16.86 -6.28
CA GLY A 75 -3.74 -17.68 -6.02
C GLY A 75 -3.50 -18.66 -4.89
N LEU A 76 -4.40 -18.62 -3.90
CA LEU A 76 -4.40 -19.56 -2.78
C LEU A 76 -5.35 -20.71 -3.15
N PRO A 77 -5.34 -21.82 -2.38
CA PRO A 77 -6.33 -22.90 -2.51
C PRO A 77 -7.77 -22.38 -2.64
N GLY A 78 -8.46 -22.77 -3.71
CA GLY A 78 -9.87 -22.41 -3.89
C GLY A 78 -10.08 -21.15 -4.72
N ASP A 79 -9.01 -20.43 -5.01
CA ASP A 79 -9.13 -19.24 -5.85
C ASP A 79 -9.34 -19.64 -7.30
N LYS A 80 -10.30 -18.97 -7.95
CA LYS A 80 -10.41 -19.08 -9.36
C LYS A 80 -9.65 -17.86 -9.88
N VAL A 81 -8.55 -18.12 -10.56
CA VAL A 81 -7.68 -17.08 -11.07
C VAL A 81 -8.00 -16.97 -12.56
N THR A 82 -8.14 -15.75 -13.05
CA THR A 82 -8.26 -15.47 -14.49
C THR A 82 -7.22 -14.48 -14.93
N TYR A 83 -6.53 -14.77 -16.02
CA TYR A 83 -5.57 -13.82 -16.55
C TYR A 83 -6.03 -13.29 -17.92
N ASP A 84 -6.07 -11.97 -18.07
CA ASP A 84 -6.35 -11.41 -19.37
C ASP A 84 -5.05 -11.01 -20.08
N PRO A 85 -4.64 -11.81 -21.08
CA PRO A 85 -3.37 -11.56 -21.74
C PRO A 85 -3.35 -10.24 -22.48
N VAL A 86 -4.52 -9.69 -22.83
CA VAL A 86 -4.63 -8.42 -23.59
C VAL A 86 -4.49 -7.22 -22.61
N SER A 87 -5.29 -7.18 -21.56
CA SER A 87 -5.16 -6.11 -20.55
C SER A 87 -3.97 -6.37 -19.58
N LYS A 88 -3.55 -7.65 -19.51
CA LYS A 88 -2.50 -8.11 -18.57
C LYS A 88 -2.96 -7.88 -17.13
N GLU A 89 -4.22 -8.24 -16.88
CA GLU A 89 -4.75 -7.99 -15.57
C GLU A 89 -5.22 -9.26 -14.98
N LEU A 90 -5.20 -9.36 -13.65
CA LEU A 90 -5.63 -10.61 -13.03
C LEU A 90 -7.00 -10.39 -12.42
N THR A 91 -7.76 -11.48 -12.26
CA THR A 91 -9.02 -11.46 -11.58
C THR A 91 -9.01 -12.66 -10.66
N ILE A 92 -9.60 -12.54 -9.48
CA ILE A 92 -9.54 -13.61 -8.51
C ILE A 92 -10.90 -13.70 -7.80
N GLN A 93 -11.44 -14.91 -7.74
CA GLN A 93 -12.72 -15.17 -7.09
C GLN A 93 -12.40 -16.31 -6.07
N PRO A 94 -12.30 -16.01 -4.78
CA PRO A 94 -11.95 -16.98 -3.75
C PRO A 94 -13.08 -17.88 -3.43
N GLY A 95 -12.81 -18.87 -2.58
CA GLY A 95 -13.81 -19.87 -2.18
C GLY A 95 -14.59 -20.57 -3.27
N CYS A 96 -13.91 -21.01 -4.34
CA CYS A 96 -14.51 -21.88 -5.37
C CYS A 96 -14.51 -23.38 -5.03
N SER A 97 -15.13 -24.12 -5.95
CA SER A 97 -15.47 -25.57 -5.81
C SER A 97 -16.58 -25.77 -4.77
N ALA A 101 -19.98 -21.63 -7.60
CA ALA A 101 -20.52 -21.14 -6.36
C ALA A 101 -19.47 -20.29 -5.60
N CYS A 102 -18.65 -19.52 -6.35
CA CYS A 102 -17.57 -18.72 -5.74
C CYS A 102 -18.06 -17.52 -4.92
N GLU A 103 -17.20 -17.04 -4.00
CA GLU A 103 -17.40 -15.76 -3.34
C GLU A 103 -17.22 -14.62 -4.32
N ASN A 104 -17.69 -13.43 -3.94
CA ASN A 104 -17.48 -12.24 -4.73
C ASN A 104 -15.98 -11.97 -5.12
N ALA A 105 -15.78 -11.40 -6.32
CA ALA A 105 -14.46 -11.07 -6.85
C ALA A 105 -13.63 -10.29 -5.83
N LEU A 106 -12.41 -10.75 -5.61
CA LEU A 106 -11.49 -10.00 -4.78
C LEU A 106 -11.18 -8.72 -5.57
N PRO A 107 -11.21 -7.56 -4.89
CA PRO A 107 -10.85 -6.34 -5.58
C PRO A 107 -9.40 -6.36 -6.01
N VAL A 108 -9.17 -6.38 -7.33
CA VAL A 108 -7.80 -6.41 -7.84
C VAL A 108 -7.62 -5.14 -8.65
N THR A 109 -7.00 -4.13 -8.12
CA THR A 109 -7.09 -2.82 -8.80
C THR A 109 -5.73 -2.41 -9.29
N TYR A 110 -5.74 -1.67 -10.41
CA TYR A 110 -4.51 -1.27 -11.16
C TYR A 110 -4.33 0.25 -11.24
N SER A 111 -3.09 0.75 -11.14
CA SER A 111 -2.87 2.18 -11.46
C SER A 111 -2.77 2.30 -12.98
N ASN A 112 -2.83 3.51 -13.53
CA ASN A 112 -2.61 3.63 -14.97
C ASN A 112 -1.16 3.22 -15.30
N VAL A 113 -0.98 2.51 -16.41
CA VAL A 113 0.34 2.11 -16.87
C VAL A 113 1.13 3.38 -17.12
N GLU A 114 2.43 3.32 -16.90
CA GLU A 114 3.28 4.46 -17.17
C GLU A 114 4.64 3.84 -17.40
N PRO A 115 5.56 4.59 -18.00
CA PRO A 115 6.91 4.12 -18.27
C PRO A 115 7.64 3.67 -17.01
N SER A 116 8.47 2.61 -17.11
CA SER A 116 9.26 2.18 -15.94
C SER A 116 10.67 2.74 -16.07
N ASP A 117 11.51 2.46 -15.07
CA ASP A 117 12.92 2.86 -15.12
C ASP A 117 13.73 1.97 -16.02
N PHE A 118 13.08 0.94 -16.58
CA PHE A 118 13.85 -0.10 -17.31
C PHE A 118 13.50 -0.25 -18.82
N VAL A 119 14.56 -0.57 -19.58
CA VAL A 119 14.47 -0.98 -20.97
C VAL A 119 15.02 -2.41 -21.13
N GLN A 120 14.28 -3.23 -21.89
CA GLN A 120 14.72 -4.55 -22.17
C GLN A 120 15.24 -4.57 -23.58
N THR A 121 16.47 -5.04 -23.77
CA THR A 121 17.05 -5.17 -25.11
C THR A 121 17.01 -6.60 -25.64
N PHE A 122 16.97 -6.71 -26.96
CA PHE A 122 16.93 -8.01 -27.63
C PHE A 122 18.18 -8.08 -28.51
N SER A 123 18.95 -9.16 -28.37
CA SER A 123 20.21 -9.32 -29.13
C SER A 123 20.77 -10.74 -29.18
N SER A 132 19.03 -11.75 -24.03
CA SER A 132 18.35 -10.46 -23.75
C SER A 132 18.80 -9.81 -22.36
N GLY A 133 18.55 -8.52 -22.18
CA GLY A 133 19.14 -7.77 -21.06
C GLY A 133 18.21 -6.66 -20.58
N PHE A 134 18.37 -6.27 -19.32
CA PHE A 134 17.59 -5.18 -18.69
C PHE A 134 18.53 -4.05 -18.24
N PHE A 135 18.09 -2.81 -18.50
CA PHE A 135 18.83 -1.61 -18.17
C PHE A 135 17.91 -0.61 -17.50
N GLU A 136 18.40 -0.04 -16.37
CA GLU A 136 17.79 1.12 -15.73
C GLU A 136 18.21 2.33 -16.52
N VAL A 137 17.22 2.97 -17.19
CA VAL A 137 17.49 4.06 -18.17
C VAL A 137 16.61 5.28 -17.80
N PRO A 138 17.17 6.51 -17.78
CA PRO A 138 16.31 7.74 -17.61
C PRO A 138 15.03 7.68 -18.50
N LYS A 139 13.85 7.98 -17.93
CA LYS A 139 12.53 7.69 -18.59
C LYS A 139 12.46 8.40 -20.00
N ASN A 140 13.42 9.29 -20.08
CA ASN A 140 13.79 10.18 -21.11
C ASN A 140 14.25 9.43 -22.36
N GLU A 141 15.20 8.54 -22.15
CA GLU A 141 15.94 7.95 -23.26
C GLU A 141 15.37 6.65 -23.83
N THR A 142 15.92 6.24 -24.96
CA THR A 142 15.60 4.93 -25.54
C THR A 142 16.94 4.25 -25.94
N LYS A 143 17.06 2.72 -26.09
CA LYS A 143 18.20 2.12 -26.77
C LYS A 143 17.76 1.40 -28.05
N GLU A 144 18.81 1.25 -28.75
CA GLU A 144 18.76 0.50 -30.01
C GLU A 144 18.24 -0.92 -29.69
N ASN A 145 17.30 -1.41 -30.50
CA ASN A 145 16.83 -2.79 -30.32
C ASN A 145 16.28 -3.06 -28.93
N GLY A 146 15.65 -2.05 -28.34
CA GLY A 146 15.25 -2.06 -26.89
C GLY A 146 13.80 -1.68 -26.86
N ILE A 147 13.08 -2.08 -25.82
CA ILE A 147 11.72 -1.65 -25.66
C ILE A 147 11.59 -1.13 -24.24
N ARG A 148 10.99 0.05 -24.09
CA ARG A 148 10.80 0.66 -22.76
C ARG A 148 9.74 -0.15 -22.08
N LEU A 149 10.03 -0.73 -20.92
CA LEU A 149 9.02 -1.50 -20.17
C LEU A 149 8.10 -0.50 -19.49
N SER A 150 6.82 -0.85 -19.38
CA SER A 150 5.88 -0.12 -18.60
C SER A 150 5.73 -0.72 -17.17
N GLU A 151 5.31 0.13 -16.25
CA GLU A 151 5.01 -0.30 -14.91
C GLU A 151 3.68 0.16 -14.43
N ARG A 152 3.11 -0.67 -13.59
CA ARG A 152 1.96 -0.24 -12.84
C ARG A 152 1.89 -0.88 -11.46
N LYS A 153 1.00 -0.36 -10.64
CA LYS A 153 0.64 -1.00 -9.40
C LYS A 153 -0.51 -1.93 -9.55
N GLU A 154 -0.48 -2.96 -8.71
CA GLU A 154 -1.50 -3.96 -8.68
C GLU A 154 -1.75 -4.19 -7.22
N THR A 155 -3.02 -4.08 -6.85
CA THR A 155 -3.40 -4.34 -5.49
C THR A 155 -4.15 -5.67 -5.47
N LEU A 156 -3.57 -6.66 -4.84
CA LEU A 156 -4.27 -7.95 -4.68
C LEU A 156 -5.04 -7.91 -3.40
N GLY A 157 -6.26 -7.37 -3.49
CA GLY A 157 -7.08 -7.19 -2.30
C GLY A 157 -6.71 -5.91 -1.57
N ASP A 158 -5.65 -5.98 -0.75
CA ASP A 158 -5.10 -4.74 -0.06
C ASP A 158 -3.56 -4.70 -0.11
N VAL A 159 -2.97 -5.72 -0.79
CA VAL A 159 -1.54 -5.76 -0.86
C VAL A 159 -1.09 -5.26 -2.19
N THR A 160 -0.38 -4.14 -2.17
CA THR A 160 -0.01 -3.41 -3.40
C THR A 160 1.47 -3.65 -3.66
N HIS A 161 1.77 -3.83 -4.93
CA HIS A 161 3.10 -4.01 -5.43
C HIS A 161 3.12 -3.59 -6.90
N ARG A 162 4.32 -3.38 -7.46
CA ARG A 162 4.49 -3.05 -8.83
C ARG A 162 4.73 -4.28 -9.70
N ILE A 163 4.34 -4.11 -10.98
CA ILE A 163 4.63 -5.09 -12.03
C ILE A 163 5.21 -4.35 -13.20
N LEU A 164 6.02 -5.05 -14.00
CA LEU A 164 6.39 -4.53 -15.30
C LEU A 164 5.70 -5.27 -16.40
N THR A 165 5.49 -4.56 -17.52
CA THR A 165 5.03 -5.25 -18.76
C THR A 165 5.83 -4.82 -19.99
N VAL A 166 5.88 -5.75 -20.95
CA VAL A 166 6.50 -5.44 -22.21
C VAL A 166 5.35 -5.04 -23.18
N PRO A 167 5.28 -3.75 -23.59
CA PRO A 167 4.13 -3.33 -24.40
C PRO A 167 4.06 -3.91 -25.84
N ILE A 168 5.17 -4.46 -26.34
CA ILE A 168 5.12 -5.11 -27.69
C ILE A 168 4.88 -6.63 -27.59
N ALA A 169 4.68 -7.14 -26.35
CA ALA A 169 4.50 -8.60 -26.09
C ALA A 169 3.05 -8.95 -25.70
N GLN A 170 2.61 -10.17 -26.03
CA GLN A 170 1.39 -10.67 -25.42
C GLN A 170 1.54 -12.17 -25.28
N ASP A 171 1.08 -12.73 -24.13
CA ASP A 171 1.05 -14.18 -23.95
C ASP A 171 0.34 -14.87 -25.10
N GLN A 172 0.91 -15.96 -25.60
CA GLN A 172 0.08 -16.84 -26.39
C GLN A 172 -0.40 -18.02 -25.57
N VAL A 173 -1.71 -17.96 -25.37
CA VAL A 173 -2.40 -18.78 -24.44
C VAL A 173 -2.32 -20.26 -24.79
N GLY A 174 -2.16 -20.57 -26.10
CA GLY A 174 -1.83 -21.93 -26.57
C GLY A 174 -0.68 -22.62 -25.81
N MET A 175 0.26 -21.80 -25.30
CA MET A 175 1.43 -22.26 -24.56
C MET A 175 1.17 -22.46 -23.03
N TYR A 176 -0.05 -22.10 -22.58
CA TYR A 176 -0.36 -22.11 -21.14
C TYR A 176 -0.48 -23.54 -20.66
N TYR A 177 -0.19 -23.77 -19.36
CA TYR A 177 -0.74 -24.93 -18.67
C TYR A 177 -2.29 -24.83 -18.66
N GLN A 178 -2.95 -25.80 -19.28
CA GLN A 178 -4.39 -25.83 -19.28
C GLN A 178 -4.81 -26.83 -18.23
N GLN A 179 -5.63 -26.39 -17.28
CA GLN A 179 -6.10 -27.28 -16.22
C GLN A 179 -7.24 -28.11 -16.79
N PRO A 180 -7.25 -29.43 -16.51
CA PRO A 180 -8.38 -30.21 -17.15
C PRO A 180 -9.73 -29.67 -16.66
N GLY A 181 -10.71 -29.58 -17.61
CA GLY A 181 -12.06 -29.07 -17.31
C GLY A 181 -12.16 -27.55 -17.22
N GLN A 182 -11.10 -26.84 -17.58
CA GLN A 182 -11.20 -25.40 -17.58
C GLN A 182 -10.80 -24.86 -18.88
N GLN A 183 -11.29 -23.71 -19.22
CA GLN A 183 -10.90 -23.07 -20.44
C GLN A 183 -9.51 -22.45 -20.33
N LEU A 184 -9.01 -21.92 -21.41
CA LEU A 184 -7.69 -21.34 -21.38
C LEU A 184 -7.70 -20.06 -20.54
N ALA A 185 -6.55 -19.69 -19.98
CA ALA A 185 -6.33 -18.55 -19.03
C ALA A 185 -7.26 -18.44 -17.79
N THR A 186 -7.75 -19.58 -17.30
CA THR A 186 -8.55 -19.60 -16.09
C THR A 186 -8.09 -20.84 -15.35
N TRP A 187 -7.86 -20.72 -14.05
CA TRP A 187 -7.44 -21.86 -13.25
C TRP A 187 -8.17 -21.82 -11.96
N ILE A 188 -8.56 -22.98 -11.44
CA ILE A 188 -9.09 -23.08 -10.08
C ILE A 188 -8.09 -23.79 -9.17
N VAL A 189 -7.49 -23.09 -8.19
CA VAL A 189 -6.40 -23.66 -7.39
C VAL A 189 -6.92 -24.82 -6.54
N PRO A 190 -6.36 -26.06 -6.69
CA PRO A 190 -6.74 -27.20 -5.86
C PRO A 190 -6.34 -27.05 -4.40
N PRO A 191 -6.94 -27.87 -3.51
CA PRO A 191 -6.55 -27.80 -2.09
C PRO A 191 -5.05 -28.03 -1.94
N GLY A 192 -4.41 -27.37 -0.99
CA GLY A 192 -2.99 -27.57 -0.74
C GLY A 192 -2.06 -27.20 -1.89
N GLN A 193 -2.51 -26.32 -2.79
CA GLN A 193 -1.76 -25.93 -4.01
C GLN A 193 -1.84 -24.40 -4.06
N TYR A 194 -0.95 -23.80 -4.84
CA TYR A 194 -0.80 -22.34 -4.96
C TYR A 194 -0.49 -21.99 -6.43
N PHE A 195 -0.95 -20.82 -6.83
CA PHE A 195 -0.69 -20.26 -8.15
C PHE A 195 0.24 -19.07 -8.05
N MET A 196 1.37 -19.16 -8.77
CA MET A 196 2.52 -18.30 -8.61
C MET A 196 2.73 -17.53 -9.87
N MET A 197 2.94 -16.21 -9.77
CA MET A 197 3.26 -15.35 -10.94
C MET A 197 4.37 -14.37 -10.57
N GLY A 198 5.26 -14.10 -11.53
CA GLY A 198 6.30 -13.10 -11.39
C GLY A 198 5.84 -11.67 -11.68
N ASP A 199 6.44 -10.71 -10.97
CA ASP A 199 6.09 -9.30 -11.06
C ASP A 199 6.50 -8.80 -12.46
N ASN A 200 7.50 -9.44 -13.06
CA ASN A 200 7.96 -9.06 -14.41
C ASN A 200 7.18 -9.95 -15.41
N ARG A 201 5.91 -9.57 -15.62
CA ARG A 201 4.84 -10.43 -16.08
C ARG A 201 4.98 -11.03 -17.51
N ASP A 202 5.65 -10.30 -18.40
CA ASP A 202 5.99 -10.87 -19.70
C ASP A 202 7.32 -11.59 -19.70
N ASN A 203 8.03 -11.66 -18.54
CA ASN A 203 9.37 -12.27 -18.48
C ASN A 203 9.48 -13.22 -17.28
N SER A 204 8.44 -14.04 -17.11
CA SER A 204 8.40 -14.88 -15.90
C SER A 204 7.73 -16.20 -16.27
N ALA A 205 8.52 -17.25 -16.27
CA ALA A 205 8.03 -18.59 -16.48
C ALA A 205 7.41 -19.06 -15.17
N ASP A 206 6.09 -18.99 -15.05
CA ASP A 206 5.48 -19.21 -13.74
C ASP A 206 4.28 -20.13 -13.91
N SER A 207 3.31 -20.08 -12.98
CA SER A 207 2.24 -21.08 -12.98
C SER A 207 1.37 -21.08 -14.24
N ARG A 208 1.37 -19.95 -14.98
CA ARG A 208 0.59 -19.86 -16.24
C ARG A 208 1.06 -20.95 -17.19
N TYR A 209 2.36 -21.27 -17.08
CA TYR A 209 3.03 -22.23 -17.98
C TYR A 209 3.19 -23.64 -17.41
N TRP A 210 3.44 -23.79 -16.10
CA TRP A 210 3.69 -25.13 -15.56
C TRP A 210 2.75 -25.52 -14.44
N GLY A 211 1.67 -24.72 -14.18
CA GLY A 211 0.68 -25.19 -13.21
C GLY A 211 0.92 -24.85 -11.74
N PHE A 212 0.40 -25.69 -10.84
CA PHE A 212 0.35 -25.36 -9.39
C PHE A 212 1.60 -25.78 -8.61
N VAL A 213 1.78 -25.12 -7.47
CA VAL A 213 2.90 -25.43 -6.59
C VAL A 213 2.30 -26.08 -5.35
N PRO A 214 2.73 -27.31 -5.01
CA PRO A 214 2.24 -27.91 -3.80
C PRO A 214 2.71 -27.22 -2.49
N GLU A 215 1.94 -27.35 -1.44
CA GLU A 215 2.26 -26.82 -0.12
C GLU A 215 3.64 -27.27 0.38
N ALA A 216 3.96 -28.56 0.18
CA ALA A 216 5.26 -29.12 0.61
C ALA A 216 6.48 -28.48 -0.07
N ASN A 217 6.27 -27.90 -1.26
CA ASN A 217 7.37 -27.31 -2.06
C ASN A 217 7.79 -25.92 -1.58
N LEU A 218 6.98 -25.31 -0.71
CA LEU A 218 7.16 -23.95 -0.26
C LEU A 218 8.26 -23.92 0.79
N VAL A 219 9.20 -23.02 0.62
CA VAL A 219 10.34 -22.88 1.54
C VAL A 219 10.10 -21.70 2.52
N GLY A 220 9.77 -20.53 2.00
CA GLY A 220 9.46 -19.43 2.91
C GLY A 220 9.10 -18.15 2.17
N ARG A 221 8.98 -17.07 2.94
CA ARG A 221 8.58 -15.74 2.48
C ARG A 221 9.78 -14.81 2.46
N ALA A 222 9.97 -14.12 1.35
CA ALA A 222 11.08 -13.18 1.22
C ALA A 222 10.64 -11.85 1.88
N THR A 223 11.36 -11.43 2.93
CA THR A 223 10.95 -10.25 3.70
C THR A 223 11.86 -9.05 3.53
N ALA A 224 13.07 -9.25 3.01
CA ALA A 224 13.96 -8.09 2.90
C ALA A 224 15.08 -8.27 1.93
N ILE A 225 15.73 -7.13 1.62
CA ILE A 225 17.00 -7.19 0.83
C ILE A 225 18.09 -6.75 1.84
N TRP A 226 19.19 -7.53 1.98
CA TRP A 226 20.28 -7.20 2.92
C TRP A 226 21.54 -6.72 2.21
N MET A 227 21.57 -6.82 0.89
CA MET A 227 22.68 -6.42 0.07
C MET A 227 22.21 -6.37 -1.39
N SER A 228 22.84 -5.51 -2.20
CA SER A 228 22.52 -5.39 -3.61
C SER A 228 23.71 -4.86 -4.36
N PHE A 229 24.03 -5.52 -5.46
CA PHE A 229 25.11 -5.08 -6.34
C PHE A 229 24.52 -4.71 -7.69
N ASP A 230 24.99 -3.61 -8.26
CA ASP A 230 24.63 -3.25 -9.63
C ASP A 230 25.29 -4.26 -10.52
N LYS A 231 24.46 -5.13 -11.11
CA LYS A 231 24.94 -6.27 -11.87
C LYS A 231 24.10 -6.52 -13.12
N GLN A 232 24.76 -6.80 -14.24
CA GLN A 232 24.07 -7.38 -15.38
C GLN A 232 24.06 -8.91 -15.23
N GLU A 233 23.01 -9.55 -15.72
CA GLU A 233 22.85 -11.01 -15.63
C GLU A 233 23.99 -11.81 -16.30
N GLY A 234 24.67 -12.61 -15.47
CA GLY A 234 25.84 -13.39 -15.91
C GLY A 234 27.13 -12.96 -15.23
N GLU A 235 27.50 -11.67 -15.41
CA GLU A 235 28.85 -11.17 -15.07
C GLU A 235 28.95 -10.42 -13.73
N TRP A 236 30.18 -10.17 -13.28
CA TRP A 236 30.43 -9.80 -11.88
C TRP A 236 31.27 -8.54 -11.60
N PRO A 237 30.70 -7.55 -10.88
CA PRO A 237 29.53 -6.68 -10.89
C PRO A 237 29.99 -5.18 -10.67
N THR A 238 29.29 -4.21 -11.28
CA THR A 238 29.74 -2.79 -11.41
C THR A 238 29.95 -1.91 -10.14
N GLY A 239 28.93 -1.98 -9.25
CA GLY A 239 28.86 -1.13 -8.06
C GLY A 239 27.81 -1.61 -7.08
N LEU A 240 27.61 -0.85 -6.00
CA LEU A 240 26.73 -1.23 -4.92
C LEU A 240 25.41 -0.52 -5.09
N ARG A 241 24.35 -1.09 -4.53
CA ARG A 241 23.07 -0.40 -4.46
C ARG A 241 22.54 -0.52 -3.04
N LEU A 242 23.28 0.06 -2.06
CA LEU A 242 22.91 0.00 -0.64
C LEU A 242 21.59 0.64 -0.32
N SER A 243 21.11 1.58 -1.14
CA SER A 243 19.78 2.21 -0.91
C SER A 243 18.64 1.19 -0.99
N ARG A 244 18.87 0.08 -1.70
CA ARG A 244 17.89 -1.04 -1.77
C ARG A 244 17.74 -1.90 -0.53
N ILE A 245 18.72 -1.82 0.37
CA ILE A 245 18.67 -2.54 1.64
C ILE A 245 17.43 -2.10 2.42
N GLY A 246 16.62 -3.03 2.87
CA GLY A 246 15.36 -2.66 3.55
C GLY A 246 14.33 -3.75 3.36
N GLY A 247 13.09 -3.50 3.82
CA GLY A 247 12.01 -4.45 3.67
C GLY A 247 11.49 -4.51 2.23
N ILE A 248 10.83 -5.61 1.90
CA ILE A 248 10.10 -5.78 0.62
C ILE A 248 8.74 -6.42 0.87
N HIS A 249 7.84 -6.36 -0.14
CA HIS A 249 6.58 -7.04 -0.02
C HIS A 249 5.85 -7.33 -1.35
N ILE B 6 -2.17 25.85 28.94
CA ILE B 6 -3.67 25.86 29.03
C ILE B 6 -4.22 24.85 28.04
N TYR B 7 -5.20 24.10 28.53
CA TYR B 7 -5.81 22.97 27.87
C TYR B 7 -7.20 23.38 27.46
N GLU B 8 -7.62 22.90 26.28
CA GLU B 8 -8.99 23.08 25.80
C GLU B 8 -9.54 21.71 25.38
N PRO B 9 -10.69 21.30 25.94
CA PRO B 9 -11.29 20.01 25.58
C PRO B 9 -12.12 20.04 24.28
N PHE B 10 -12.11 18.94 23.54
CA PHE B 10 -12.95 18.80 22.33
C PHE B 10 -13.53 17.43 22.24
N GLN B 11 -14.75 17.35 21.71
CA GLN B 11 -15.32 16.01 21.48
C GLN B 11 -15.03 15.58 20.05
N ILE B 12 -14.90 14.29 19.85
CA ILE B 12 -14.60 13.69 18.57
C ILE B 12 -15.85 13.07 17.97
N PRO B 13 -16.54 13.79 17.07
CA PRO B 13 -17.79 13.25 16.54
C PRO B 13 -17.62 12.26 15.37
N SER B 14 -16.46 12.25 14.69
CA SER B 14 -16.32 11.47 13.45
C SER B 14 -15.20 10.48 13.50
N GLY B 15 -15.09 9.66 12.45
CA GLY B 15 -14.08 8.57 12.47
C GLY B 15 -12.83 8.99 11.71
N SER B 16 -12.73 10.26 11.29
CA SER B 16 -11.58 10.64 10.46
C SER B 16 -10.19 10.34 11.01
N MET B 17 -10.03 10.22 12.35
CA MET B 17 -8.72 9.96 12.91
C MET B 17 -8.57 8.55 13.49
N MET B 18 -9.46 7.63 13.08
CA MET B 18 -9.37 6.22 13.55
C MET B 18 -8.09 5.59 12.99
N PRO B 19 -7.49 4.61 13.71
CA PRO B 19 -7.89 4.03 15.02
C PRO B 19 -7.37 4.86 16.24
N THR B 20 -6.61 5.90 15.94
CA THR B 20 -5.93 6.75 16.96
C THR B 20 -6.93 7.43 17.88
N LEU B 21 -7.99 7.99 17.29
CA LEU B 21 -9.12 8.60 18.01
C LEU B 21 -10.40 8.02 17.49
N LEU B 22 -11.30 7.73 18.41
CA LEU B 22 -12.55 7.09 18.09
C LEU B 22 -13.69 8.05 18.38
N ILE B 23 -14.76 7.87 17.65
CA ILE B 23 -15.99 8.61 17.92
C ILE B 23 -16.37 8.42 19.39
N GLY B 24 -16.62 9.57 20.04
CA GLY B 24 -17.05 9.62 21.44
C GLY B 24 -15.89 9.87 22.38
N ASP B 25 -14.68 9.91 21.83
CA ASP B 25 -13.49 10.40 22.58
C ASP B 25 -13.62 11.89 22.92
N PHE B 26 -13.15 12.25 24.10
CA PHE B 26 -13.09 13.67 24.53
C PHE B 26 -11.65 13.92 24.79
N ILE B 27 -11.06 14.77 23.95
CA ILE B 27 -9.65 15.00 24.01
C ILE B 27 -9.34 16.30 24.72
N LEU B 28 -8.06 16.40 25.14
CA LEU B 28 -7.48 17.65 25.63
C LEU B 28 -6.43 18.18 24.65
N VAL B 29 -6.55 19.46 24.31
CA VAL B 29 -5.63 20.12 23.42
C VAL B 29 -4.70 21.04 24.22
N GLU B 30 -3.41 20.94 23.97
CA GLU B 30 -2.47 21.84 24.50
C GLU B 30 -2.24 22.97 23.52
N LYS B 31 -2.64 24.15 23.93
CA LYS B 31 -2.62 25.30 23.06
C LYS B 31 -1.16 25.72 22.78
N PHE B 32 -0.83 26.01 21.51
CA PHE B 32 0.54 26.38 21.08
C PHE B 32 1.15 27.59 21.82
N THR B 48 5.62 31.93 18.86
CA THR B 48 5.61 30.66 19.61
C THR B 48 6.45 29.56 18.98
N GLY B 49 6.01 29.06 17.83
CA GLY B 49 6.27 27.70 17.38
C GLY B 49 5.16 26.71 17.63
N HIS B 50 5.37 25.46 17.25
CA HIS B 50 5.12 25.03 15.88
C HIS B 50 4.93 23.53 15.88
N PRO B 51 4.04 23.02 15.04
CA PRO B 51 3.84 21.57 15.00
C PRO B 51 5.07 20.83 14.46
N LYS B 52 5.34 19.66 14.99
CA LYS B 52 6.30 18.75 14.37
C LYS B 52 5.51 17.89 13.37
N ARG B 53 6.22 17.33 12.40
CA ARG B 53 5.60 16.41 11.48
C ARG B 53 4.98 15.23 12.28
N GLY B 54 3.70 14.91 11.98
CA GLY B 54 3.09 13.78 12.65
C GLY B 54 2.28 14.14 13.88
N ASP B 55 2.40 15.40 14.32
CA ASP B 55 1.57 15.94 15.37
C ASP B 55 0.10 15.91 14.99
N ILE B 56 -0.72 15.48 15.93
CA ILE B 56 -2.18 15.68 15.87
C ILE B 56 -2.58 17.14 16.30
N VAL B 57 -3.24 17.87 15.40
CA VAL B 57 -3.40 19.30 15.55
C VAL B 57 -4.90 19.63 15.36
N VAL B 58 -5.44 20.42 16.29
CA VAL B 58 -6.75 21.08 16.11
C VAL B 58 -6.49 22.45 15.45
N PHE B 59 -7.30 22.81 14.44
CA PHE B 59 -7.11 24.03 13.73
C PHE B 59 -8.50 24.59 13.24
N LYS B 60 -8.53 25.91 12.99
CA LYS B 60 -9.71 26.54 12.38
C LYS B 60 -9.76 26.11 10.91
N TYR B 61 -10.86 25.50 10.48
CA TYR B 61 -11.06 25.18 9.08
C TYR B 61 -10.96 26.37 8.16
N PRO B 62 -9.93 26.42 7.27
CA PRO B 62 -9.73 27.66 6.48
C PRO B 62 -10.95 28.31 5.79
N GLU B 63 -11.77 27.50 5.13
CA GLU B 63 -12.90 28.00 4.35
C GLU B 63 -14.10 28.31 5.23
N ASP B 64 -14.05 27.85 6.48
CA ASP B 64 -15.10 28.18 7.47
C ASP B 64 -14.50 28.11 8.86
N PRO B 65 -13.83 29.21 9.27
CA PRO B 65 -13.09 29.18 10.52
C PRO B 65 -13.97 29.23 11.78
N LYS B 66 -15.30 29.16 11.61
CA LYS B 66 -16.18 28.94 12.75
C LYS B 66 -16.11 27.43 13.18
N LEU B 67 -15.46 26.60 12.35
CA LEU B 67 -15.37 25.13 12.56
C LEU B 67 -13.97 24.77 13.00
N ASP B 68 -13.86 23.99 14.08
CA ASP B 68 -12.59 23.35 14.44
C ASP B 68 -12.45 21.99 13.78
N TYR B 69 -11.26 21.70 13.28
CA TYR B 69 -10.99 20.41 12.69
C TYR B 69 -9.84 19.82 13.40
N ILE B 70 -9.78 18.50 13.42
CA ILE B 70 -8.58 17.82 13.95
C ILE B 70 -7.95 16.83 12.89
N LYS B 71 -6.67 17.00 12.55
CA LYS B 71 -5.97 16.14 11.58
C LYS B 71 -4.50 15.97 11.99
N ARG B 72 -3.74 15.18 11.22
CA ARG B 72 -2.30 15.02 11.52
C ARG B 72 -1.49 15.95 10.57
N ALA B 73 -0.52 16.70 11.10
CA ALA B 73 0.28 17.56 10.24
C ALA B 73 1.32 16.72 9.51
N VAL B 74 1.03 16.40 8.26
CA VAL B 74 1.88 15.46 7.51
C VAL B 74 2.97 16.22 6.74
N GLY B 75 2.62 17.45 6.32
CA GLY B 75 3.48 18.27 5.48
C GLY B 75 3.70 19.63 6.16
N LEU B 76 4.96 20.05 6.25
CA LEU B 76 5.34 21.33 6.91
C LEU B 76 5.82 22.26 5.77
N PRO B 77 6.01 23.57 6.04
CA PRO B 77 6.44 24.50 4.98
C PRO B 77 7.66 24.02 4.18
N GLY B 78 7.54 24.04 2.86
CA GLY B 78 8.66 23.68 1.99
C GLY B 78 8.59 22.24 1.50
N ASP B 79 7.94 21.33 2.26
CA ASP B 79 7.78 19.92 1.81
C ASP B 79 7.11 19.83 0.45
N LYS B 80 7.68 19.01 -0.44
CA LYS B 80 6.95 18.45 -1.56
C LYS B 80 6.30 17.14 -1.11
N VAL B 81 4.97 17.10 -1.15
CA VAL B 81 4.16 15.96 -0.68
C VAL B 81 3.49 15.36 -1.92
N THR B 82 3.51 14.04 -2.03
CA THR B 82 2.88 13.35 -3.14
C THR B 82 2.13 12.19 -2.53
N TYR B 83 0.90 11.97 -3.01
CA TYR B 83 0.06 10.90 -2.51
C TYR B 83 -0.34 9.97 -3.68
N ASP B 84 -0.09 8.66 -3.47
CA ASP B 84 -0.47 7.65 -4.45
C ASP B 84 -1.83 7.03 -4.07
N PRO B 85 -2.88 7.26 -4.86
CA PRO B 85 -4.23 6.76 -4.52
C PRO B 85 -4.35 5.25 -4.58
N VAL B 86 -3.44 4.58 -5.32
CA VAL B 86 -3.46 3.12 -5.41
C VAL B 86 -2.78 2.41 -4.24
N SER B 87 -1.49 2.66 -4.02
CA SER B 87 -0.78 2.11 -2.85
C SER B 87 -1.16 2.78 -1.56
N LYS B 88 -1.75 3.99 -1.67
CA LYS B 88 -2.19 4.83 -0.54
C LYS B 88 -1.01 5.14 0.44
N GLU B 89 0.09 5.62 -0.18
CA GLU B 89 1.32 5.98 0.52
C GLU B 89 1.72 7.42 0.13
N LEU B 90 2.34 8.10 1.09
CA LEU B 90 2.91 9.42 0.91
C LEU B 90 4.38 9.36 0.58
N THR B 91 4.79 10.31 -0.24
CA THR B 91 6.20 10.62 -0.43
C THR B 91 6.39 12.05 0.02
N ILE B 92 7.44 12.29 0.80
CA ILE B 92 7.70 13.64 1.34
C ILE B 92 9.13 14.09 1.10
N GLN B 93 9.31 15.19 0.38
CA GLN B 93 10.63 15.82 0.17
C GLN B 93 10.71 17.20 0.85
N PRO B 94 11.44 17.33 1.98
CA PRO B 94 11.56 18.62 2.71
C PRO B 94 12.42 19.69 1.99
N GLY B 95 12.39 20.92 2.51
CA GLY B 95 13.22 22.02 2.00
C GLY B 95 13.08 22.15 0.49
N CYS B 96 11.84 22.25 0.00
CA CYS B 96 11.56 22.17 -1.42
C CYS B 96 10.59 23.26 -1.99
N SER B 97 11.01 24.63 -1.56
CA SER B 97 10.13 25.70 -2.15
C SER B 97 10.04 25.44 -3.71
N SER B 98 11.15 25.07 -4.32
CA SER B 98 11.08 24.59 -5.69
C SER B 98 12.17 23.58 -6.04
N GLY B 99 11.73 22.42 -6.54
CA GLY B 99 10.33 22.18 -6.74
C GLY B 99 10.05 20.77 -7.24
N CYS B 102 14.95 19.91 -5.26
CA CYS B 102 14.31 20.68 -4.20
C CYS B 102 15.28 20.78 -3.05
N GLU B 103 15.89 19.38 -2.57
CA GLU B 103 15.60 18.10 -3.32
C GLU B 103 15.96 16.97 -2.33
N ASN B 104 14.91 16.78 -1.25
CA ASN B 104 15.49 15.81 -0.23
C ASN B 104 14.49 15.10 0.52
N ALA B 105 14.27 13.86 0.06
CA ALA B 105 13.46 12.83 0.70
C ALA B 105 13.63 12.51 2.17
N LEU B 106 12.49 12.59 2.85
CA LEU B 106 12.23 12.10 4.20
C LEU B 106 12.09 10.60 4.07
N PRO B 107 12.66 9.83 5.00
CA PRO B 107 12.36 8.40 4.97
C PRO B 107 10.95 8.12 5.52
N VAL B 108 10.06 7.77 4.60
CA VAL B 108 8.66 7.40 4.85
C VAL B 108 8.52 5.93 4.55
N THR B 109 8.25 5.13 5.57
CA THR B 109 8.09 3.70 5.34
C THR B 109 6.79 3.24 5.93
N TYR B 110 6.28 2.12 5.43
CA TYR B 110 5.04 1.53 5.87
C TYR B 110 5.27 0.11 6.37
N SER B 111 4.65 -0.33 7.48
CA SER B 111 4.58 -1.78 7.68
C SER B 111 3.61 -2.50 6.71
N ASN B 112 3.66 -3.85 6.70
CA ASN B 112 2.74 -4.65 5.89
C ASN B 112 1.26 -4.49 6.28
N VAL B 113 0.34 -4.43 5.29
CA VAL B 113 -1.09 -4.29 5.58
C VAL B 113 -1.53 -5.46 6.44
N GLU B 114 -2.39 -5.21 7.43
CA GLU B 114 -2.93 -6.27 8.28
C GLU B 114 -4.39 -5.92 8.60
N PRO B 115 -5.20 -6.90 9.02
CA PRO B 115 -6.58 -6.52 9.41
C PRO B 115 -6.61 -5.51 10.58
N SER B 116 -7.50 -4.52 10.55
CA SER B 116 -7.68 -3.61 11.66
C SER B 116 -8.78 -4.18 12.55
N ASP B 117 -9.05 -3.49 13.66
CA ASP B 117 -10.05 -3.88 14.69
C ASP B 117 -11.47 -3.47 14.27
N PHE B 118 -11.56 -2.76 13.15
CA PHE B 118 -12.84 -2.15 12.74
C PHE B 118 -13.45 -2.64 11.42
N VAL B 119 -14.77 -2.76 11.44
CA VAL B 119 -15.54 -3.00 10.21
C VAL B 119 -16.44 -1.78 9.94
N GLN B 120 -16.46 -1.30 8.68
CA GLN B 120 -17.30 -0.16 8.35
C GLN B 120 -18.53 -0.66 7.56
N THR B 121 -19.72 -0.27 8.01
CA THR B 121 -20.97 -0.75 7.48
C THR B 121 -21.76 0.49 7.10
N PHE B 122 -22.20 0.50 5.84
CA PHE B 122 -22.96 1.59 5.24
C PHE B 122 -24.47 1.48 5.38
N SER B 123 -25.11 2.64 5.32
CA SER B 123 -26.54 2.71 5.70
C SER B 123 -27.26 3.77 4.91
N ARG B 124 -28.54 3.95 5.18
CA ARG B 124 -29.27 4.89 4.38
C ARG B 124 -29.74 6.19 5.08
N ARG B 125 -30.87 6.10 5.78
CA ARG B 125 -31.79 7.25 5.81
C ARG B 125 -31.17 8.52 6.46
N ASN B 126 -30.43 8.26 7.57
CA ASN B 126 -29.83 9.34 8.33
C ASN B 126 -28.63 9.95 7.59
N ALA B 130 -27.39 8.29 3.26
CA ALA B 130 -25.99 8.38 2.75
C ALA B 130 -24.84 8.27 3.74
N THR B 131 -24.95 7.40 4.80
CA THR B 131 -23.96 7.31 5.91
C THR B 131 -23.30 5.93 6.17
N SER B 132 -22.32 5.94 7.07
CA SER B 132 -21.64 4.74 7.50
C SER B 132 -21.42 4.70 8.99
N GLY B 133 -21.29 3.47 9.53
CA GLY B 133 -21.05 3.22 10.95
C GLY B 133 -19.78 2.39 11.09
N PHE B 134 -19.10 2.54 12.24
CA PHE B 134 -17.85 1.77 12.51
C PHE B 134 -18.11 0.88 13.72
N PHE B 135 -17.53 -0.32 13.63
CA PHE B 135 -17.77 -1.44 14.57
C PHE B 135 -16.47 -2.15 14.82
N GLU B 136 -16.13 -2.21 16.09
CA GLU B 136 -14.93 -2.87 16.53
C GLU B 136 -15.24 -4.35 16.59
N VAL B 137 -14.56 -5.14 15.79
CA VAL B 137 -14.90 -6.54 15.63
C VAL B 137 -13.63 -7.39 15.89
N PRO B 138 -13.73 -8.39 16.80
CA PRO B 138 -12.53 -9.22 17.03
C PRO B 138 -11.98 -9.68 15.67
N LYS B 139 -10.65 -9.72 15.52
CA LYS B 139 -10.09 -10.06 14.21
C LYS B 139 -10.34 -11.55 13.83
N ASN B 140 -10.62 -12.41 14.85
CA ASN B 140 -11.06 -13.79 14.61
C ASN B 140 -12.56 -13.94 14.30
N GLU B 141 -13.26 -12.80 14.19
CA GLU B 141 -14.68 -12.79 13.89
C GLU B 141 -14.93 -12.12 12.56
N THR B 142 -16.13 -12.35 12.04
CA THR B 142 -16.66 -11.66 10.83
C THR B 142 -17.93 -10.93 11.24
N LYS B 143 -18.09 -9.66 10.81
CA LYS B 143 -19.41 -9.02 10.84
C LYS B 143 -20.20 -9.35 9.53
N GLU B 144 -21.47 -9.69 9.68
CA GLU B 144 -22.30 -10.19 8.59
C GLU B 144 -22.20 -9.19 7.41
N ASN B 145 -22.51 -7.94 7.72
CA ASN B 145 -22.59 -6.89 6.71
C ASN B 145 -21.59 -5.80 6.99
N GLY B 146 -20.70 -5.49 6.07
CA GLY B 146 -19.76 -4.43 6.32
C GLY B 146 -18.50 -4.87 5.68
N ILE B 147 -17.50 -3.97 5.67
CA ILE B 147 -16.19 -4.29 5.11
C ILE B 147 -15.09 -4.07 6.19
N ARG B 148 -14.19 -5.05 6.34
CA ARG B 148 -13.14 -4.95 7.38
C ARG B 148 -12.10 -3.99 6.86
N LEU B 149 -11.70 -2.98 7.66
CA LEU B 149 -10.68 -2.05 7.19
C LEU B 149 -9.26 -2.62 7.38
N SER B 150 -8.33 -2.20 6.52
CA SER B 150 -6.97 -2.65 6.61
C SER B 150 -6.29 -1.64 7.50
N GLU B 151 -5.18 -2.07 8.06
CA GLU B 151 -4.35 -1.21 8.93
C GLU B 151 -2.88 -1.38 8.57
N ARG B 152 -2.14 -0.26 8.67
CA ARG B 152 -0.71 -0.20 8.51
C ARG B 152 -0.22 0.85 9.46
N LYS B 153 1.09 0.74 9.79
CA LYS B 153 1.82 1.80 10.46
C LYS B 153 2.62 2.59 9.42
N GLU B 154 2.54 3.91 9.55
CA GLU B 154 3.15 4.86 8.68
C GLU B 154 4.21 5.64 9.52
N THR B 155 5.47 5.60 9.07
CA THR B 155 6.57 6.27 9.72
C THR B 155 6.96 7.45 8.86
N LEU B 156 6.87 8.64 9.44
CA LEU B 156 7.28 9.86 8.75
C LEU B 156 8.56 10.39 9.37
N GLY B 157 9.70 10.14 8.73
CA GLY B 157 11.02 10.33 9.37
C GLY B 157 11.18 9.52 10.65
N ASP B 158 10.95 10.18 11.79
CA ASP B 158 11.20 9.57 13.12
C ASP B 158 9.95 9.41 14.03
N VAL B 159 8.75 9.44 13.45
CA VAL B 159 7.50 9.36 14.21
C VAL B 159 6.59 8.35 13.47
N THR B 160 5.84 7.53 14.20
CA THR B 160 5.05 6.45 13.62
C THR B 160 3.65 6.42 14.20
N HIS B 161 2.66 6.23 13.31
CA HIS B 161 1.28 6.11 13.79
C HIS B 161 0.51 5.16 12.88
N ARG B 162 -0.66 4.73 13.30
CA ARG B 162 -1.50 3.86 12.49
C ARG B 162 -2.51 4.59 11.59
N ILE B 163 -2.77 3.95 10.44
CA ILE B 163 -3.74 4.41 9.43
C ILE B 163 -4.64 3.24 9.06
N LEU B 164 -5.91 3.52 8.75
CA LEU B 164 -6.87 2.55 8.24
C LEU B 164 -7.14 2.87 6.78
N THR B 165 -7.21 1.85 5.92
CA THR B 165 -7.67 1.99 4.54
C THR B 165 -8.81 1.00 4.26
N VAL B 166 -9.56 1.34 3.21
CA VAL B 166 -10.77 0.62 2.77
C VAL B 166 -10.39 -0.02 1.43
N PRO B 167 -10.28 -1.37 1.34
CA PRO B 167 -9.77 -1.99 0.07
C PRO B 167 -10.53 -1.60 -1.27
N ILE B 168 -11.85 -1.47 -1.21
CA ILE B 168 -12.66 -1.15 -2.41
C ILE B 168 -12.73 0.35 -2.73
N ALA B 169 -12.15 1.19 -1.88
CA ALA B 169 -12.16 2.69 -2.04
C ALA B 169 -10.92 3.19 -2.75
N GLN B 170 -11.09 4.24 -3.57
CA GLN B 170 -9.96 4.93 -4.14
C GLN B 170 -10.28 6.40 -4.23
N ASP B 171 -9.30 7.27 -3.92
CA ASP B 171 -9.48 8.73 -4.06
C ASP B 171 -9.72 9.08 -5.53
N GLN B 172 -10.76 9.90 -5.75
CA GLN B 172 -11.06 10.42 -7.09
C GLN B 172 -10.32 11.72 -7.19
N VAL B 173 -9.16 11.64 -7.81
CA VAL B 173 -8.24 12.74 -8.04
C VAL B 173 -8.91 13.98 -8.71
N GLY B 174 -9.96 13.77 -9.51
CA GLY B 174 -10.75 14.89 -10.03
C GLY B 174 -11.36 15.78 -8.95
N MET B 175 -11.50 15.25 -7.73
CA MET B 175 -12.06 16.00 -6.58
C MET B 175 -10.98 16.67 -5.72
N TYR B 176 -9.71 16.33 -5.97
CA TYR B 176 -8.56 16.91 -5.30
C TYR B 176 -8.42 18.43 -5.43
N TYR B 177 -7.92 19.05 -4.37
CA TYR B 177 -7.33 20.35 -4.50
C TYR B 177 -6.06 20.25 -5.38
N GLN B 178 -6.09 20.88 -6.55
CA GLN B 178 -4.87 21.00 -7.35
C GLN B 178 -4.20 22.35 -7.13
N GLN B 179 -3.01 22.33 -6.53
CA GLN B 179 -2.24 23.58 -6.43
C GLN B 179 -1.85 24.11 -7.83
N PRO B 180 -2.04 25.44 -8.07
CA PRO B 180 -1.57 26.14 -9.29
C PRO B 180 -0.14 25.77 -9.78
N GLY B 181 -0.06 24.97 -10.85
CA GLY B 181 1.21 24.72 -11.50
C GLY B 181 1.89 23.45 -11.04
N GLN B 182 1.26 22.72 -10.11
CA GLN B 182 1.73 21.36 -9.77
C GLN B 182 0.84 20.39 -10.50
N GLN B 183 1.35 19.18 -10.79
CA GLN B 183 0.48 18.09 -11.25
C GLN B 183 -0.37 17.54 -10.08
N LEU B 184 -1.43 16.83 -10.47
CA LEU B 184 -2.41 16.34 -9.54
C LEU B 184 -1.78 15.33 -8.57
N ALA B 185 -2.16 15.42 -7.31
CA ALA B 185 -1.71 14.50 -6.26
C ALA B 185 -0.28 14.79 -5.82
N THR B 186 0.20 16.00 -6.14
CA THR B 186 1.49 16.50 -5.72
C THR B 186 1.28 17.95 -5.31
N TRP B 187 1.80 18.29 -4.12
CA TRP B 187 1.69 19.64 -3.51
C TRP B 187 3.00 20.09 -2.89
N ILE B 188 3.34 21.36 -3.02
CA ILE B 188 4.48 21.98 -2.35
C ILE B 188 3.91 22.94 -1.34
N VAL B 189 4.13 22.63 -0.08
CA VAL B 189 3.58 23.35 1.05
C VAL B 189 4.18 24.77 1.10
N PRO B 190 3.32 25.81 0.98
CA PRO B 190 3.81 27.22 1.02
C PRO B 190 4.46 27.62 2.35
N PRO B 191 5.25 28.71 2.37
CA PRO B 191 5.84 29.01 3.66
C PRO B 191 4.70 29.38 4.57
N GLY B 192 4.86 29.10 5.86
CA GLY B 192 3.84 29.44 6.86
C GLY B 192 2.56 28.62 6.79
N GLN B 193 2.58 27.49 6.10
CA GLN B 193 1.40 26.64 5.95
C GLN B 193 1.63 25.14 6.15
N TYR B 194 0.54 24.40 6.32
CA TYR B 194 0.59 22.95 6.58
C TYR B 194 -0.33 22.13 5.70
N PHE B 195 0.04 20.86 5.55
CA PHE B 195 -0.74 19.85 4.88
C PHE B 195 -1.27 18.83 5.89
N MET B 196 -2.58 18.71 6.00
CA MET B 196 -3.26 17.90 7.01
C MET B 196 -3.89 16.70 6.39
N MET B 197 -3.70 15.55 7.02
CA MET B 197 -4.34 14.31 6.61
C MET B 197 -4.92 13.56 7.77
N GLY B 198 -6.06 12.96 7.53
CA GLY B 198 -6.70 12.11 8.56
C GLY B 198 -6.13 10.68 8.55
N ASP B 199 -6.09 10.01 9.71
CA ASP B 199 -5.54 8.62 9.82
C ASP B 199 -6.47 7.62 9.17
N ASN B 200 -7.80 7.90 9.15
CA ASN B 200 -8.76 7.01 8.47
C ASN B 200 -8.81 7.52 7.03
N ARG B 201 -7.89 7.05 6.24
CA ARG B 201 -7.46 7.72 5.01
C ARG B 201 -8.48 7.74 3.89
N ASP B 202 -9.39 6.77 3.91
CA ASP B 202 -10.43 6.72 2.86
C ASP B 202 -11.70 7.31 3.45
N ASN B 203 -11.62 7.81 4.68
CA ASN B 203 -12.79 8.43 5.26
C ASN B 203 -12.43 9.77 5.91
N SER B 204 -11.67 10.58 5.20
CA SER B 204 -11.23 11.82 5.81
C SER B 204 -11.22 12.91 4.71
N ALA B 205 -12.03 13.97 4.87
CA ALA B 205 -11.99 15.19 4.05
C ALA B 205 -10.92 16.14 4.58
N ASP B 206 -9.76 16.15 3.92
CA ASP B 206 -8.55 16.84 4.45
C ASP B 206 -7.83 17.67 3.39
N SER B 207 -6.55 18.03 3.61
CA SER B 207 -5.85 18.87 2.64
C SER B 207 -5.89 18.34 1.17
N ARG B 208 -5.88 17.01 0.97
CA ARG B 208 -6.06 16.49 -0.42
C ARG B 208 -7.27 17.18 -1.14
N TYR B 209 -8.35 17.48 -0.41
CA TYR B 209 -9.55 18.06 -1.01
C TYR B 209 -9.63 19.56 -0.85
N TRP B 210 -9.03 20.12 0.19
CA TRP B 210 -9.26 21.55 0.39
C TRP B 210 -7.99 22.43 0.59
N GLY B 211 -6.78 21.89 0.44
CA GLY B 211 -5.66 22.79 0.48
C GLY B 211 -5.02 22.86 1.85
N PHE B 212 -4.20 23.89 2.03
CA PHE B 212 -3.30 24.07 3.19
C PHE B 212 -3.93 24.77 4.36
N VAL B 213 -3.27 24.64 5.51
CA VAL B 213 -3.75 25.27 6.73
C VAL B 213 -2.75 26.35 7.17
N PRO B 214 -3.15 27.65 7.14
CA PRO B 214 -2.22 28.66 7.62
C PRO B 214 -1.82 28.45 9.08
N GLU B 215 -0.58 28.79 9.40
CA GLU B 215 -0.07 28.74 10.76
C GLU B 215 -1.02 29.39 11.78
N ALA B 216 -1.54 30.58 11.49
CA ALA B 216 -2.44 31.33 12.43
C ALA B 216 -3.66 30.50 12.82
N ASN B 217 -4.06 29.57 11.96
CA ASN B 217 -5.27 28.81 12.15
C ASN B 217 -5.13 27.65 13.17
N LEU B 218 -3.89 27.31 13.54
CA LEU B 218 -3.54 26.28 14.50
C LEU B 218 -3.84 26.66 15.94
N VAL B 219 -4.71 25.87 16.55
CA VAL B 219 -5.13 26.04 17.92
C VAL B 219 -4.14 25.35 18.84
N GLY B 220 -3.87 24.06 18.60
CA GLY B 220 -2.88 23.38 19.46
C GLY B 220 -2.77 21.91 19.12
N ARG B 221 -1.98 21.19 19.91
CA ARG B 221 -1.69 19.78 19.70
C ARG B 221 -2.60 18.95 20.63
N ALA B 222 -3.22 17.91 20.10
CA ALA B 222 -4.03 17.04 20.95
C ALA B 222 -3.12 16.05 21.71
N THR B 223 -3.10 16.08 23.06
CA THR B 223 -2.10 15.33 23.78
C THR B 223 -2.70 14.20 24.60
N ALA B 224 -4.01 14.22 24.86
CA ALA B 224 -4.57 13.21 25.76
C ALA B 224 -6.08 13.01 25.53
N ILE B 225 -6.56 11.84 25.92
CA ILE B 225 -7.97 11.55 26.04
C ILE B 225 -8.38 11.68 27.50
N TRP B 226 -9.32 12.60 27.68
CA TRP B 226 -9.80 12.94 28.99
C TRP B 226 -10.88 11.94 29.42
N MET B 227 -11.70 11.57 28.45
CA MET B 227 -12.84 10.70 28.64
C MET B 227 -13.21 10.08 27.28
N SER B 228 -13.95 8.98 27.32
CA SER B 228 -14.37 8.30 26.12
C SER B 228 -15.71 7.61 26.32
N PHE B 229 -16.56 7.68 25.30
CA PHE B 229 -17.86 7.05 25.34
C PHE B 229 -18.05 6.14 24.14
N ASP B 230 -18.59 4.96 24.39
CA ASP B 230 -19.09 4.10 23.32
C ASP B 230 -20.28 4.72 22.65
N LYS B 231 -20.13 5.08 21.39
CA LYS B 231 -21.18 5.75 20.65
C LYS B 231 -21.00 5.64 19.14
N GLN B 232 -22.10 5.77 18.41
CA GLN B 232 -22.05 6.02 16.99
C GLN B 232 -22.36 7.46 16.65
N GLU B 233 -21.88 7.90 15.49
CA GLU B 233 -22.19 9.23 15.00
C GLU B 233 -23.68 9.47 15.04
N GLY B 234 -24.12 10.33 15.96
CA GLY B 234 -25.44 10.89 15.91
C GLY B 234 -26.39 10.10 16.79
N GLU B 235 -25.90 9.66 17.93
CA GLU B 235 -26.73 8.86 18.77
C GLU B 235 -26.10 8.94 20.11
N TRP B 236 -26.69 8.27 21.06
CA TRP B 236 -26.11 8.26 22.36
C TRP B 236 -25.24 7.05 22.48
N PRO B 237 -24.60 6.93 23.62
CA PRO B 237 -23.63 5.88 23.83
C PRO B 237 -24.18 4.76 24.66
N THR B 238 -23.75 3.56 24.34
CA THR B 238 -23.93 2.41 25.18
C THR B 238 -23.39 2.76 26.54
N GLY B 239 -22.06 2.77 26.62
CA GLY B 239 -21.30 3.00 27.83
C GLY B 239 -19.96 3.63 27.52
N LEU B 240 -18.94 3.30 28.32
CA LEU B 240 -17.67 4.00 28.27
C LEU B 240 -16.50 3.23 27.76
N ARG B 241 -15.35 3.88 27.85
CA ARG B 241 -14.08 3.28 27.50
C ARG B 241 -13.00 3.89 28.34
N LEU B 242 -13.08 3.66 29.64
CA LEU B 242 -12.11 4.19 30.59
C LEU B 242 -10.68 3.73 30.27
N SER B 243 -10.52 2.53 29.68
CA SER B 243 -9.19 2.06 29.18
C SER B 243 -8.50 3.08 28.26
N ARG B 244 -9.29 3.96 27.64
CA ARG B 244 -8.80 4.96 26.70
C ARG B 244 -8.30 6.24 27.37
N ILE B 245 -8.78 6.53 28.56
CA ILE B 245 -8.28 7.72 29.28
C ILE B 245 -6.72 7.67 29.38
N GLY B 246 -6.03 8.73 28.94
CA GLY B 246 -4.55 8.82 29.11
C GLY B 246 -3.89 9.45 27.89
N GLY B 247 -2.60 9.20 27.65
CA GLY B 247 -1.89 9.77 26.49
C GLY B 247 -2.43 9.23 25.17
N ILE B 248 -2.15 9.94 24.07
CA ILE B 248 -2.68 9.54 22.76
C ILE B 248 -1.56 8.80 22.04
N HIS B 249 -1.90 7.61 21.52
CA HIS B 249 -0.92 6.72 20.87
C HIS B 249 -1.44 6.39 19.47
N GLY C 3 22.12 -19.45 -2.03
CA GLY C 3 21.90 -20.18 -3.28
C GLY C 3 21.04 -19.21 -4.18
N ALA C 5 17.65 -17.98 -6.57
CA ALA C 5 16.22 -18.23 -6.59
C ALA C 5 15.90 -17.58 -7.97
N TYR C 6 15.38 -18.45 -8.87
CA TYR C 6 15.05 -18.14 -10.27
C TYR C 6 13.72 -17.39 -10.34
N GLY D 3 -16.51 21.81 22.40
CA GLY D 3 -17.19 21.84 21.08
C GLY D 3 -16.63 20.62 20.24
N ALA D 5 -14.66 18.68 16.98
CA ALA D 5 -13.51 18.89 16.12
C ALA D 5 -13.74 17.88 14.99
N TYR D 6 -13.91 18.34 13.78
CA TYR D 6 -14.18 17.43 12.65
C TYR D 6 -12.92 16.98 11.92
#